data_6HCB
#
_entry.id   6HCB
#
_cell.length_a   97.436
_cell.length_b   122.025
_cell.length_c   47.623
_cell.angle_alpha   90.000
_cell.angle_beta   90.000
_cell.angle_gamma   90.000
#
_symmetry.space_group_name_H-M   'P 21 21 2'
#
loop_
_entity.id
_entity.type
_entity.pdbx_description
1 polymer 'Glutamate receptor 2'
2 non-polymer 'SULFATE ION'
3 non-polymer 'GLUTAMIC ACID'
4 non-polymer GLYCEROL
5 non-polymer 'CHLORIDE ION'
6 non-polymer DI(HYDROXYETHYL)ETHER
7 non-polymer "6,6'-(Ethane-1,2-diyl)bis(4-methyl-3,4-dihydro-2H-1,2,4-benzothiadiazine 1,1-dioxide)"
8 water water
#
_entity_poly.entity_id   1
_entity_poly.type   'polypeptide(L)'
_entity_poly.pdbx_seq_one_letter_code
;GANKTVVVTTILESPYVMMKKNHEMLEGNERYEGYCVDLAAEIAKHCGFKYKLTIVGDGKYGARDADTKIWNGMVGELVY
GKADIAIAPLTITLVREEVIDFSKPFMSLGISIMIKKGTPIESAEDLSKQTEIAYGTLDSGSTKEFFRRSKIAVFDKMWT
YMRSAEPSVFVRTTAEGVARVRKSKGKYAYLLESTMNEYIEQRKPCDTMKVGGNLDSKGYGIATPKGSSLGNAVNLAVLK
LSEQGLLDKLKNKWWYDKGECGSG
;
_entity_poly.pdbx_strand_id   A,B
#
loop_
_chem_comp.id
_chem_comp.type
_chem_comp.name
_chem_comp.formula
CL non-polymer 'CHLORIDE ION' 'Cl -1'
D45 non-polymer '6,6'-(Ethane-1,2-diyl)bis(4-methyl-3,4-dihydro-2H-1,2,4-benzothiadiazine 1,1-dioxide)' 'C18 H22 N4 O4 S2'
GOL non-polymer GLYCEROL 'C3 H8 O3'
PEG non-polymer DI(HYDROXYETHYL)ETHER 'C4 H10 O3'
SO4 non-polymer 'SULFATE ION' 'O4 S -2'
#
# COMPACT_ATOMS: atom_id res chain seq x y z
N LYS A 4 12.09 29.92 0.77
CA LYS A 4 12.48 29.80 2.16
C LYS A 4 12.86 28.35 2.48
N THR A 5 13.66 28.16 3.52
CA THR A 5 14.08 26.82 3.89
C THR A 5 12.94 26.05 4.54
N VAL A 6 12.67 24.86 4.02
CA VAL A 6 11.57 24.02 4.50
C VAL A 6 12.01 23.30 5.77
N VAL A 7 11.20 23.41 6.83
CA VAL A 7 11.50 22.73 8.08
C VAL A 7 10.86 21.33 8.01
N VAL A 8 11.70 20.31 8.05
CA VAL A 8 11.28 18.91 8.00
C VAL A 8 11.35 18.34 9.40
N THR A 9 10.22 17.89 9.93
CA THR A 9 10.23 17.13 11.17
C THR A 9 10.37 15.65 10.85
N THR A 10 11.18 14.96 11.63
CA THR A 10 11.38 13.53 11.49
C THR A 10 11.70 12.98 12.88
N ILE A 11 12.02 11.70 12.95
CA ILE A 11 12.13 11.01 14.23
C ILE A 11 13.28 10.01 14.15
N LEU A 12 13.98 9.85 15.27
CA LEU A 12 15.10 8.90 15.34
C LEU A 12 14.53 7.50 15.45
N GLU A 13 14.59 6.78 14.34
CA GLU A 13 14.02 5.44 14.24
C GLU A 13 14.80 4.69 13.18
N SER A 14 15.51 3.62 13.58
CA SER A 14 16.32 2.90 12.61
C SER A 14 15.44 2.04 11.70
N PRO A 15 15.77 1.92 10.41
CA PRO A 15 16.88 2.54 9.68
C PRO A 15 16.43 3.79 8.94
N TYR A 16 15.34 4.40 9.41
CA TYR A 16 14.79 5.56 8.71
C TYR A 16 15.64 6.80 8.94
N VAL A 17 15.98 7.09 10.20
CA VAL A 17 16.85 8.22 10.55
C VAL A 17 17.73 7.76 11.71
N MET A 18 19.04 7.85 11.52
CA MET A 18 20.02 7.40 12.51
C MET A 18 21.13 8.45 12.60
N MET A 19 21.74 8.56 13.77
CA MET A 19 22.91 9.42 13.93
C MET A 19 24.12 8.79 13.26
N LYS A 20 24.81 9.57 12.43
CA LYS A 20 26.05 9.10 11.81
C LYS A 20 27.11 8.86 12.87
N LYS A 21 28.05 7.97 12.55
CA LYS A 21 29.29 7.91 13.30
C LYS A 21 29.95 9.29 13.29
N ASN A 22 30.44 9.69 14.46
CA ASN A 22 31.14 10.96 14.65
CA ASN A 22 31.15 10.96 14.59
C ASN A 22 30.23 12.15 14.37
N HIS A 23 28.93 11.97 14.56
CA HIS A 23 27.96 13.05 14.34
C HIS A 23 28.27 14.29 15.18
N GLU A 24 28.97 14.13 16.30
CA GLU A 24 29.21 15.27 17.18
C GLU A 24 30.06 16.34 16.53
N MET A 25 30.84 16.00 15.51
CA MET A 25 31.63 16.97 14.77
C MET A 25 30.95 17.46 13.50
N LEU A 26 29.76 16.95 13.20
CA LEU A 26 29.05 17.32 11.98
C LEU A 26 27.98 18.35 12.31
N GLU A 27 27.38 18.91 11.25
CA GLU A 27 26.46 20.02 11.40
C GLU A 27 25.28 19.83 10.45
N GLY A 28 24.11 20.31 10.88
CA GLY A 28 22.94 20.31 10.01
C GLY A 28 22.51 18.92 9.57
N ASN A 29 22.07 18.86 8.31
CA ASN A 29 21.53 17.60 7.77
C ASN A 29 22.58 16.52 7.71
N GLU A 30 23.87 16.90 7.72
CA GLU A 30 24.95 15.93 7.65
C GLU A 30 25.06 15.07 8.91
N ARG A 31 24.37 15.44 9.98
CA ARG A 31 24.42 14.64 11.20
C ARG A 31 23.74 13.30 11.05
N TYR A 32 22.83 13.16 10.08
CA TYR A 32 21.89 12.06 10.03
C TYR A 32 22.10 11.20 8.78
N GLU A 33 21.71 9.94 8.88
CA GLU A 33 21.68 9.05 7.72
C GLU A 33 20.49 8.11 7.85
N GLY A 34 20.10 7.52 6.72
CA GLY A 34 19.02 6.56 6.71
C GLY A 34 18.03 6.71 5.57
N TYR A 35 17.02 5.83 5.55
CA TYR A 35 16.06 5.80 4.45
C TYR A 35 15.37 7.14 4.29
N CYS A 36 14.87 7.70 5.39
CA CYS A 36 14.13 8.96 5.28
C CYS A 36 15.06 10.14 5.03
N VAL A 37 16.32 10.05 5.40
CA VAL A 37 17.29 11.09 5.03
C VAL A 37 17.50 11.10 3.52
N ASP A 38 17.73 9.92 2.93
CA ASP A 38 17.82 9.82 1.47
C ASP A 38 16.51 10.25 0.81
N LEU A 39 15.37 9.84 1.37
CA LEU A 39 14.10 10.19 0.75
C LEU A 39 13.88 11.70 0.78
N ALA A 40 14.20 12.34 1.90
CA ALA A 40 14.10 13.80 1.98
C ALA A 40 14.92 14.46 0.88
N ALA A 41 16.16 14.00 0.68
CA ALA A 41 17.00 14.60 -0.35
C ALA A 41 16.38 14.46 -1.72
N GLU A 42 15.79 13.29 -2.01
CA GLU A 42 15.17 13.05 -3.31
C GLU A 42 13.91 13.89 -3.49
N ILE A 43 13.08 14.00 -2.46
CA ILE A 43 11.87 14.83 -2.57
C ILE A 43 12.26 16.29 -2.78
N ALA A 44 13.20 16.78 -1.96
CA ALA A 44 13.62 18.17 -2.06
C ALA A 44 14.18 18.49 -3.44
N LYS A 45 14.91 17.56 -4.04
CA LYS A 45 15.48 17.80 -5.35
C LYS A 45 14.39 17.91 -6.42
N HIS A 46 13.41 17.01 -6.37
CA HIS A 46 12.35 17.04 -7.37
C HIS A 46 11.44 18.25 -7.18
N CYS A 47 11.18 18.64 -5.94
CA CYS A 47 10.32 19.78 -5.68
C CYS A 47 11.06 21.11 -5.69
N GLY A 48 12.39 21.07 -5.61
CA GLY A 48 13.22 22.25 -5.72
C GLY A 48 13.20 23.16 -4.51
N PHE A 49 13.30 22.59 -3.30
CA PHE A 49 13.38 23.40 -2.10
C PHE A 49 14.58 22.99 -1.26
N LYS A 50 15.09 23.95 -0.50
CA LYS A 50 16.08 23.71 0.54
C LYS A 50 15.36 23.33 1.81
N TYR A 51 16.01 22.53 2.65
CA TYR A 51 15.33 22.00 3.82
C TYR A 51 16.32 21.81 4.97
N LYS A 52 15.74 21.73 6.18
CA LYS A 52 16.48 21.50 7.41
C LYS A 52 15.80 20.36 8.16
N LEU A 53 16.53 19.27 8.38
CA LEU A 53 15.99 18.14 9.14
C LEU A 53 16.01 18.50 10.63
N THR A 54 14.89 18.26 11.31
N THR A 54 14.89 18.29 11.31
CA THR A 54 14.75 18.57 12.73
CA THR A 54 14.78 18.57 12.74
C THR A 54 14.10 17.38 13.41
C THR A 54 14.11 17.39 13.42
N ILE A 55 14.77 16.83 14.43
CA ILE A 55 14.20 15.70 15.17
C ILE A 55 13.08 16.21 16.08
N VAL A 56 11.93 15.54 16.02
CA VAL A 56 10.78 16.00 16.79
C VAL A 56 11.14 16.07 18.27
N GLY A 57 10.83 17.20 18.90
CA GLY A 57 11.31 17.47 20.25
C GLY A 57 10.89 16.43 21.28
N ASP A 58 9.63 15.98 21.22
CA ASP A 58 9.14 15.05 22.22
C ASP A 58 9.34 13.59 21.83
N GLY A 59 9.96 13.32 20.68
CA GLY A 59 10.24 11.97 20.26
C GLY A 59 9.04 11.10 19.97
N LYS A 60 7.90 11.70 19.65
CA LYS A 60 6.66 10.95 19.42
C LYS A 60 6.17 11.08 17.98
N TYR A 61 5.44 10.06 17.53
CA TYR A 61 4.85 10.09 16.19
C TYR A 61 3.66 11.04 16.14
N GLY A 62 2.69 10.84 17.01
CA GLY A 62 1.57 11.76 17.08
C GLY A 62 0.27 11.13 17.52
N ALA A 63 -0.28 11.65 18.63
CA ALA A 63 -1.58 11.26 19.12
C ALA A 63 -2.27 12.49 19.67
N ARG A 64 -3.60 12.41 19.74
CA ARG A 64 -4.44 13.49 20.21
C ARG A 64 -4.80 13.24 21.67
N ASP A 65 -4.45 14.18 22.54
CA ASP A 65 -4.82 14.06 23.95
C ASP A 65 -6.33 14.13 24.09
N ALA A 66 -6.93 13.09 24.68
CA ALA A 66 -8.39 13.01 24.76
C ALA A 66 -8.99 14.21 25.48
N ASP A 67 -8.31 14.70 26.52
CA ASP A 67 -8.85 15.79 27.32
C ASP A 67 -8.64 17.14 26.64
N THR A 68 -7.37 17.52 26.42
CA THR A 68 -7.07 18.82 25.84
C THR A 68 -7.29 18.86 24.33
N LYS A 69 -7.37 17.71 23.67
CA LYS A 69 -7.49 17.61 22.23
C LYS A 69 -6.28 18.21 21.51
N ILE A 70 -5.15 18.32 22.21
CA ILE A 70 -3.92 18.82 21.61
C ILE A 70 -3.16 17.64 21.01
N TRP A 71 -2.71 17.81 19.77
CA TRP A 71 -1.87 16.81 19.12
C TRP A 71 -0.43 16.97 19.56
N ASN A 72 0.25 15.85 19.78
CA ASN A 72 1.67 15.87 20.10
C ASN A 72 2.46 15.27 18.93
N GLY A 73 3.76 15.10 19.14
CA GLY A 73 4.59 14.44 18.15
C GLY A 73 4.72 15.21 16.84
N MET A 74 5.15 14.49 15.81
CA MET A 74 5.31 15.08 14.49
C MET A 74 3.98 15.61 13.96
N VAL A 75 2.88 14.91 14.26
CA VAL A 75 1.58 15.42 13.85
C VAL A 75 1.36 16.80 14.45
N GLY A 76 1.62 16.93 15.75
CA GLY A 76 1.46 18.23 16.41
C GLY A 76 2.35 19.31 15.81
N GLU A 77 3.57 18.96 15.43
CA GLU A 77 4.45 19.93 14.79
CA GLU A 77 4.44 19.95 14.81
C GLU A 77 3.83 20.49 13.53
N LEU A 78 3.16 19.65 12.76
CA LEU A 78 2.51 20.14 11.54
C LEU A 78 1.27 20.95 11.87
N VAL A 79 0.43 20.46 12.79
CA VAL A 79 -0.83 21.13 13.09
C VAL A 79 -0.59 22.55 13.59
N TYR A 80 0.45 22.74 14.41
CA TYR A 80 0.67 24.03 15.06
C TYR A 80 1.73 24.88 14.38
N GLY A 81 2.23 24.45 13.21
CA GLY A 81 3.07 25.29 12.40
C GLY A 81 4.53 25.32 12.79
N LYS A 82 5.01 24.33 13.53
CA LYS A 82 6.42 24.26 13.90
C LYS A 82 7.27 23.56 12.85
N ALA A 83 6.64 22.83 11.94
CA ALA A 83 7.34 22.20 10.82
C ALA A 83 6.48 22.35 9.57
N ASP A 84 7.12 22.30 8.42
CA ASP A 84 6.42 22.44 7.15
C ASP A 84 6.07 21.10 6.51
N ILE A 85 6.76 20.03 6.91
CA ILE A 85 6.56 18.72 6.29
C ILE A 85 7.18 17.70 7.23
N ALA A 86 6.61 16.50 7.23
CA ALA A 86 7.16 15.39 8.01
C ALA A 86 7.58 14.31 7.04
N ILE A 87 8.84 13.91 7.10
CA ILE A 87 9.38 12.86 6.24
C ILE A 87 9.90 11.80 7.21
N ALA A 88 9.10 10.77 7.42
CA ALA A 88 9.31 9.83 8.50
C ALA A 88 8.42 8.61 8.30
N PRO A 89 8.62 7.51 9.04
CA PRO A 89 7.69 6.39 8.93
C PRO A 89 6.39 6.69 9.64
N LEU A 90 5.63 7.63 9.07
CA LEU A 90 4.41 8.15 9.67
C LEU A 90 3.21 7.49 8.99
N THR A 91 2.45 6.75 9.76
CA THR A 91 1.37 5.93 9.22
C THR A 91 0.15 6.77 8.86
N ILE A 92 -0.39 6.49 7.68
CA ILE A 92 -1.62 7.10 7.20
C ILE A 92 -2.79 6.52 8.00
N THR A 93 -3.53 7.39 8.67
CA THR A 93 -4.70 6.96 9.44
C THR A 93 -5.82 7.96 9.24
N LEU A 94 -7.05 7.49 9.51
CA LEU A 94 -8.22 8.35 9.34
C LEU A 94 -8.14 9.57 10.25
N VAL A 95 -7.82 9.35 11.53
CA VAL A 95 -7.86 10.47 12.48
C VAL A 95 -6.84 11.53 12.09
N ARG A 96 -5.68 11.11 11.59
CA ARG A 96 -4.66 12.07 11.16
C ARG A 96 -5.07 12.79 9.88
N GLU A 97 -5.65 12.05 8.92
CA GLU A 97 -6.13 12.63 7.67
C GLU A 97 -7.20 13.68 7.90
N GLU A 98 -7.87 13.66 9.04
CA GLU A 98 -8.82 14.72 9.38
C GLU A 98 -8.14 16.03 9.77
N VAL A 99 -6.85 16.02 10.09
CA VAL A 99 -6.17 17.22 10.56
C VAL A 99 -4.93 17.59 9.75
N ILE A 100 -4.30 16.65 9.06
CA ILE A 100 -3.15 16.93 8.20
C ILE A 100 -3.37 16.24 6.86
N ASP A 101 -2.48 16.53 5.91
CA ASP A 101 -2.50 15.91 4.59
C ASP A 101 -1.37 14.89 4.47
N PHE A 102 -1.62 13.82 3.72
CA PHE A 102 -0.64 12.76 3.45
C PHE A 102 -0.47 12.58 1.94
N SER A 103 0.78 12.39 1.50
CA SER A 103 1.05 11.93 0.15
C SER A 103 0.52 10.52 -0.04
N LYS A 104 0.49 10.08 -1.30
CA LYS A 104 0.35 8.66 -1.55
C LYS A 104 1.47 7.92 -0.83
N PRO A 105 1.25 6.67 -0.44
CA PRO A 105 2.23 5.98 0.42
C PRO A 105 3.54 5.73 -0.31
N PHE A 106 4.64 5.84 0.45
CA PHE A 106 5.94 5.50 -0.09
C PHE A 106 6.45 4.15 0.38
N MET A 107 5.77 3.52 1.35
CA MET A 107 6.17 2.21 1.87
C MET A 107 4.96 1.56 2.53
N SER A 108 4.86 0.24 2.36
CA SER A 108 3.77 -0.55 2.94
CA SER A 108 3.77 -0.53 2.95
C SER A 108 4.20 -1.12 4.29
N LEU A 109 3.21 -1.33 5.16
CA LEU A 109 3.48 -2.02 6.41
C LEU A 109 2.18 -2.58 6.97
N GLY A 110 2.34 -3.48 7.92
CA GLY A 110 1.25 -3.90 8.76
C GLY A 110 1.73 -4.18 10.17
N ILE A 111 0.79 -4.13 11.11
CA ILE A 111 1.11 -4.49 12.48
C ILE A 111 1.50 -5.96 12.54
N SER A 112 2.53 -6.27 13.33
CA SER A 112 3.09 -7.60 13.39
C SER A 112 3.54 -7.91 14.81
N ILE A 113 3.95 -9.16 15.03
CA ILE A 113 4.34 -9.65 16.35
C ILE A 113 5.84 -9.94 16.34
N MET A 114 6.55 -9.41 17.33
CA MET A 114 7.95 -9.74 17.58
C MET A 114 8.06 -10.56 18.86
N ILE A 115 8.73 -11.71 18.77
CA ILE A 115 8.99 -12.58 19.91
C ILE A 115 10.48 -12.85 20.02
N LYS A 116 10.90 -13.22 21.21
CA LYS A 116 12.21 -13.82 21.39
C LYS A 116 12.16 -15.25 20.84
N LYS A 117 13.21 -15.64 20.13
CA LYS A 117 13.20 -16.96 19.48
C LYS A 117 12.83 -18.04 20.50
N GLY A 118 11.90 -18.90 20.11
CA GLY A 118 11.47 -20.02 20.95
C GLY A 118 10.21 -19.76 21.74
N THR A 119 9.73 -18.54 21.79
CA THR A 119 8.49 -18.25 22.47
C THR A 119 7.35 -19.02 21.80
N PRO A 120 6.54 -19.75 22.56
CA PRO A 120 5.44 -20.54 21.96
C PRO A 120 4.24 -19.69 21.58
N ILE A 121 4.45 -18.77 20.64
CA ILE A 121 3.41 -17.90 20.11
C ILE A 121 3.54 -17.89 18.60
N GLU A 122 2.41 -18.07 17.91
CA GLU A 122 2.40 -18.04 16.45
C GLU A 122 1.44 -17.02 15.86
N SER A 123 0.61 -16.36 16.68
CA SER A 123 -0.42 -15.49 16.12
C SER A 123 -0.97 -14.58 17.20
N ALA A 124 -1.70 -13.56 16.75
CA ALA A 124 -2.41 -12.68 17.68
C ALA A 124 -3.46 -13.45 18.46
N GLU A 125 -4.12 -14.43 17.83
CA GLU A 125 -5.07 -15.27 18.55
C GLU A 125 -4.37 -16.03 19.67
N ASP A 126 -3.15 -16.51 19.43
CA ASP A 126 -2.39 -17.19 20.49
C ASP A 126 -2.17 -16.27 21.68
N LEU A 127 -1.73 -15.03 21.41
CA LEU A 127 -1.50 -14.08 22.49
C LEU A 127 -2.76 -13.84 23.30
N SER A 128 -3.91 -13.67 22.62
CA SER A 128 -5.13 -13.28 23.31
C SER A 128 -5.67 -14.37 24.23
N LYS A 129 -5.26 -15.62 24.02
CA LYS A 129 -5.82 -16.76 24.76
C LYS A 129 -4.91 -17.23 25.88
N GLN A 130 -3.95 -16.42 26.31
CA GLN A 130 -3.04 -16.80 27.37
C GLN A 130 -2.61 -15.56 28.14
N THR A 131 -1.95 -15.78 29.27
CA THR A 131 -1.53 -14.71 30.15
C THR A 131 -0.08 -14.80 30.63
N GLU A 132 0.60 -15.92 30.38
CA GLU A 132 1.99 -16.05 30.83
C GLU A 132 2.91 -15.07 30.12
N ILE A 133 2.63 -14.81 28.85
CA ILE A 133 3.45 -13.92 28.02
C ILE A 133 2.73 -12.59 27.92
N ALA A 134 3.35 -11.53 28.44
CA ALA A 134 2.78 -10.20 28.32
C ALA A 134 3.07 -9.64 26.93
N TYR A 135 2.30 -8.63 26.54
CA TYR A 135 2.52 -8.01 25.24
C TYR A 135 2.00 -6.58 25.26
N GLY A 136 2.64 -5.73 24.47
CA GLY A 136 2.23 -4.34 24.38
C GLY A 136 2.72 -3.69 23.10
N THR A 137 2.55 -2.36 23.05
CA THR A 137 2.83 -1.57 21.86
C THR A 137 3.59 -0.29 22.24
N LEU A 138 3.94 0.48 21.21
CA LEU A 138 4.49 1.81 21.39
C LEU A 138 3.42 2.80 21.80
N ASP A 139 3.77 3.74 22.66
CA ASP A 139 2.88 4.84 23.04
C ASP A 139 2.79 5.90 21.95
N SER A 140 1.62 6.55 21.88
CA SER A 140 1.42 7.75 21.07
C SER A 140 1.58 7.48 19.59
N GLY A 141 1.20 6.28 19.14
CA GLY A 141 1.37 5.88 17.75
C GLY A 141 0.13 5.21 17.18
N SER A 142 0.25 4.83 15.91
CA SER A 142 -0.91 4.29 15.21
C SER A 142 -1.22 2.86 15.66
N THR A 143 -0.21 2.12 16.13
CA THR A 143 -0.47 0.76 16.55
C THR A 143 -1.34 0.72 17.81
N LYS A 144 -1.02 1.55 18.80
CA LYS A 144 -1.83 1.59 20.00
C LYS A 144 -3.25 2.02 19.68
N GLU A 145 -3.37 3.00 18.77
CA GLU A 145 -4.69 3.50 18.37
C GLU A 145 -5.49 2.43 17.65
N PHE A 146 -4.81 1.60 16.85
CA PHE A 146 -5.48 0.47 16.20
C PHE A 146 -6.17 -0.41 17.22
N PHE A 147 -5.47 -0.78 18.27
CA PHE A 147 -6.06 -1.69 19.26
C PHE A 147 -7.14 -0.99 20.06
N ARG A 148 -6.94 0.29 20.41
CA ARG A 148 -7.94 1.02 21.19
C ARG A 148 -9.27 1.10 20.45
N ARG A 149 -9.23 1.30 19.13
CA ARG A 149 -10.43 1.52 18.34
C ARG A 149 -11.00 0.25 17.73
N SER A 150 -10.28 -0.87 17.79
CA SER A 150 -10.73 -2.05 17.06
C SER A 150 -11.95 -2.68 17.71
N LYS A 151 -12.88 -3.14 16.88
CA LYS A 151 -14.01 -3.94 17.31
C LYS A 151 -13.89 -5.40 16.91
N ILE A 152 -12.77 -5.79 16.29
CA ILE A 152 -12.51 -7.20 16.03
C ILE A 152 -12.30 -7.91 17.36
N ALA A 153 -12.95 -9.06 17.53
CA ALA A 153 -12.99 -9.74 18.82
C ALA A 153 -11.58 -9.96 19.39
N VAL A 154 -10.68 -10.53 18.59
CA VAL A 154 -9.35 -10.86 19.10
C VAL A 154 -8.61 -9.59 19.51
N PHE A 155 -8.66 -8.55 18.67
CA PHE A 155 -7.92 -7.34 18.97
C PHE A 155 -8.54 -6.56 20.12
N ASP A 156 -9.87 -6.59 20.26
CA ASP A 156 -10.51 -5.95 21.39
C ASP A 156 -10.14 -6.64 22.70
N LYS A 157 -10.10 -7.97 22.68
CA LYS A 157 -9.66 -8.72 23.85
C LYS A 157 -8.22 -8.37 24.20
N MET A 158 -7.37 -8.22 23.20
CA MET A 158 -5.99 -7.83 23.44
C MET A 158 -5.93 -6.43 24.04
N TRP A 159 -6.71 -5.49 23.51
CA TRP A 159 -6.71 -4.13 24.04
C TRP A 159 -7.19 -4.10 25.50
N THR A 160 -8.26 -4.83 25.82
CA THR A 160 -8.75 -4.88 27.18
C THR A 160 -7.67 -5.33 28.15
N TYR A 161 -6.88 -6.33 27.74
CA TYR A 161 -5.79 -6.77 28.60
C TYR A 161 -4.69 -5.73 28.67
N MET A 162 -4.25 -5.19 27.52
CA MET A 162 -3.09 -4.32 27.50
C MET A 162 -3.34 -3.04 28.28
N ARG A 163 -4.55 -2.48 28.16
CA ARG A 163 -4.82 -1.16 28.73
C ARG A 163 -4.73 -1.17 30.25
N SER A 164 -4.96 -2.31 30.89
CA SER A 164 -4.98 -2.39 32.34
CA SER A 164 -4.99 -2.41 32.35
C SER A 164 -3.82 -3.20 32.93
N ALA A 165 -2.95 -3.76 32.09
CA ALA A 165 -1.86 -4.58 32.61
C ALA A 165 -0.90 -3.74 33.46
N GLU A 166 -0.39 -4.36 34.52
CA GLU A 166 0.55 -3.71 35.44
C GLU A 166 1.67 -4.69 35.74
N PRO A 167 2.95 -4.29 35.60
CA PRO A 167 3.41 -2.98 35.13
C PRO A 167 3.04 -2.72 33.67
N SER A 168 3.12 -1.46 33.25
CA SER A 168 2.67 -1.08 31.92
C SER A 168 3.34 -1.92 30.85
N VAL A 169 2.54 -2.37 29.86
CA VAL A 169 3.09 -3.11 28.73
C VAL A 169 3.45 -2.18 27.58
N PHE A 170 3.19 -0.89 27.71
CA PHE A 170 3.50 0.06 26.65
C PHE A 170 4.91 0.62 26.87
N VAL A 171 5.57 0.98 25.76
CA VAL A 171 6.92 1.51 25.80
C VAL A 171 6.97 2.86 25.09
N ARG A 172 7.99 3.65 25.42
CA ARG A 172 8.12 5.00 24.89
C ARG A 172 8.82 5.04 23.53
N THR A 173 9.65 4.04 23.22
CA THR A 173 10.38 4.00 21.96
C THR A 173 10.45 2.57 21.50
N THR A 174 10.62 2.41 20.19
CA THR A 174 10.79 1.08 19.62
C THR A 174 11.95 0.34 20.27
N ALA A 175 13.06 1.05 20.50
CA ALA A 175 14.22 0.42 21.12
C ALA A 175 13.89 -0.18 22.48
N GLU A 176 13.03 0.49 23.27
CA GLU A 176 12.63 -0.04 24.57
C GLU A 176 11.80 -1.31 24.42
N GLY A 177 10.93 -1.36 23.39
CA GLY A 177 10.16 -2.58 23.18
C GLY A 177 11.04 -3.76 22.84
N VAL A 178 11.99 -3.54 21.93
CA VAL A 178 12.92 -4.59 21.53
C VAL A 178 13.72 -5.08 22.72
N ALA A 179 14.26 -4.15 23.52
CA ALA A 179 15.04 -4.52 24.69
C ALA A 179 14.21 -5.38 25.64
N ARG A 180 12.93 -5.02 25.82
CA ARG A 180 12.07 -5.78 26.71
C ARG A 180 11.86 -7.20 26.19
N VAL A 181 11.68 -7.35 24.87
CA VAL A 181 11.61 -8.70 24.29
C VAL A 181 12.89 -9.46 24.61
N ARG A 182 14.04 -8.86 24.32
CA ARG A 182 15.31 -9.57 24.45
C ARG A 182 15.62 -9.93 25.90
N LYS A 183 15.16 -9.14 26.87
CA LYS A 183 15.54 -9.32 28.26
C LYS A 183 14.52 -10.09 29.09
N SER A 184 13.33 -10.40 28.54
CA SER A 184 12.25 -10.98 29.32
C SER A 184 12.17 -12.50 29.19
N LYS A 185 13.17 -13.14 28.61
CA LYS A 185 13.27 -14.60 28.60
C LYS A 185 12.02 -15.25 28.01
N GLY A 186 11.44 -14.59 27.00
CA GLY A 186 10.27 -15.10 26.32
C GLY A 186 8.94 -14.72 26.95
N LYS A 187 8.94 -13.89 27.99
CA LYS A 187 7.72 -13.51 28.69
C LYS A 187 7.14 -12.19 28.20
N TYR A 188 7.71 -11.59 27.16
CA TYR A 188 7.15 -10.38 26.57
C TYR A 188 7.22 -10.48 25.06
N ALA A 189 6.12 -10.15 24.40
CA ALA A 189 6.07 -10.03 22.95
C ALA A 189 5.68 -8.60 22.61
N TYR A 190 6.20 -8.10 21.50
CA TYR A 190 6.07 -6.69 21.15
C TYR A 190 5.31 -6.57 19.84
N LEU A 191 4.28 -5.72 19.84
CA LEU A 191 3.48 -5.46 18.65
C LEU A 191 4.00 -4.20 17.99
N LEU A 192 4.52 -4.34 16.77
CA LEU A 192 5.12 -3.23 16.06
C LEU A 192 4.98 -3.45 14.57
N GLU A 193 5.31 -2.42 13.80
CA GLU A 193 5.09 -2.47 12.37
C GLU A 193 6.10 -3.39 11.69
N SER A 194 5.62 -4.10 10.66
CA SER A 194 6.40 -5.17 10.04
C SER A 194 7.74 -4.67 9.51
N THR A 195 7.78 -3.45 9.01
CA THR A 195 9.00 -2.83 8.51
C THR A 195 10.09 -2.79 9.58
N MET A 196 9.74 -2.31 10.77
CA MET A 196 10.71 -2.26 11.87
CA MET A 196 10.73 -2.25 11.85
C MET A 196 11.03 -3.66 12.38
N ASN A 197 10.02 -4.52 12.45
CA ASN A 197 10.22 -5.90 12.88
C ASN A 197 11.22 -6.61 11.99
N GLU A 198 11.05 -6.52 10.67
CA GLU A 198 11.94 -7.17 9.73
C GLU A 198 13.35 -6.61 9.79
N TYR A 199 13.51 -5.31 10.03
CA TYR A 199 14.84 -4.74 10.17
C TYR A 199 15.55 -5.32 11.39
N ILE A 200 14.89 -5.31 12.55
CA ILE A 200 15.51 -5.76 13.79
C ILE A 200 15.82 -7.25 13.72
N GLU A 201 14.99 -8.02 13.03
CA GLU A 201 15.21 -9.45 12.88
C GLU A 201 16.57 -9.75 12.26
N GLN A 202 17.09 -8.83 11.46
CA GLN A 202 18.37 -9.04 10.78
C GLN A 202 19.52 -8.29 11.44
N ARG A 203 19.34 -7.83 12.68
CA ARG A 203 20.39 -7.19 13.46
C ARG A 203 20.84 -8.09 14.61
N LYS A 204 22.13 -8.01 14.94
CA LYS A 204 22.66 -8.73 16.08
C LYS A 204 21.95 -8.28 17.37
N PRO A 205 21.74 -9.19 18.33
CA PRO A 205 22.21 -10.58 18.38
C PRO A 205 21.31 -11.63 17.74
N CYS A 206 20.46 -11.23 16.79
CA CYS A 206 19.70 -12.19 15.98
C CYS A 206 18.87 -13.12 16.85
N ASP A 207 18.19 -12.56 17.85
CA ASP A 207 17.46 -13.37 18.82
C ASP A 207 15.97 -13.09 18.82
N THR A 208 15.46 -12.34 17.85
CA THR A 208 14.04 -12.06 17.75
C THR A 208 13.50 -12.65 16.46
N MET A 209 12.18 -12.78 16.41
N MET A 209 12.18 -12.77 16.41
CA MET A 209 11.51 -13.38 15.26
CA MET A 209 11.51 -13.39 15.27
C MET A 209 10.18 -12.70 15.04
C MET A 209 10.17 -12.71 15.04
N LYS A 210 9.82 -12.49 13.79
CA LYS A 210 8.48 -12.06 13.41
C LYS A 210 7.62 -13.29 13.17
N VAL A 211 6.45 -13.36 13.81
CA VAL A 211 5.60 -14.53 13.69
C VAL A 211 4.19 -14.11 13.28
N GLY A 212 3.54 -14.97 12.51
CA GLY A 212 2.18 -14.76 12.08
C GLY A 212 2.08 -13.78 10.91
N GLY A 213 0.87 -13.69 10.36
CA GLY A 213 0.63 -12.68 9.35
C GLY A 213 0.45 -11.31 9.97
N ASN A 214 0.54 -10.28 9.13
CA ASN A 214 0.27 -8.92 9.60
C ASN A 214 -1.19 -8.80 10.01
N LEU A 215 -1.45 -7.95 11.01
CA LEU A 215 -2.80 -7.76 11.52
C LEU A 215 -3.60 -6.76 10.70
N ASP A 216 -2.94 -5.88 9.94
CA ASP A 216 -3.63 -4.97 9.04
C ASP A 216 -2.69 -4.64 7.90
N SER A 217 -3.15 -3.78 7.00
CA SER A 217 -2.39 -3.39 5.82
CA SER A 217 -2.40 -3.39 5.80
C SER A 217 -2.51 -1.88 5.64
N LYS A 218 -1.39 -1.17 5.75
CA LYS A 218 -1.43 0.27 5.61
C LYS A 218 -0.11 0.73 5.00
N GLY A 219 0.15 2.04 5.08
CA GLY A 219 1.35 2.59 4.51
C GLY A 219 1.78 3.85 5.21
N TYR A 220 3.03 4.21 4.97
CA TYR A 220 3.60 5.48 5.40
C TYR A 220 3.42 6.53 4.31
N GLY A 221 3.18 7.79 4.72
CA GLY A 221 3.08 8.88 3.77
C GLY A 221 3.85 10.09 4.29
N ILE A 222 4.26 10.94 3.35
CA ILE A 222 4.85 12.22 3.69
C ILE A 222 3.73 13.19 4.02
N ALA A 223 3.80 13.82 5.18
CA ALA A 223 2.70 14.60 5.71
C ALA A 223 3.01 16.09 5.64
N THR A 224 1.97 16.88 5.38
CA THR A 224 2.04 18.32 5.34
C THR A 224 0.83 18.90 6.06
N PRO A 225 0.89 20.17 6.47
CA PRO A 225 -0.29 20.80 7.05
C PRO A 225 -1.39 20.90 6.01
N LYS A 226 -2.62 20.92 6.47
CA LYS A 226 -3.76 21.02 5.55
C LYS A 226 -3.66 22.28 4.70
N GLY A 227 -3.87 22.13 3.40
CA GLY A 227 -3.80 23.25 2.50
C GLY A 227 -2.41 23.69 2.11
N SER A 228 -1.37 22.95 2.50
CA SER A 228 -0.02 23.35 2.18
C SER A 228 0.20 23.36 0.68
N SER A 229 0.94 24.37 0.20
CA SER A 229 1.28 24.44 -1.22
C SER A 229 2.26 23.36 -1.64
N LEU A 230 2.91 22.69 -0.69
CA LEU A 230 3.86 21.64 -1.02
C LEU A 230 3.21 20.30 -1.30
N GLY A 231 1.95 20.12 -0.90
CA GLY A 231 1.35 18.79 -0.93
C GLY A 231 1.34 18.19 -2.33
N ASN A 232 0.90 18.96 -3.32
CA ASN A 232 0.78 18.41 -4.68
C ASN A 232 2.12 17.95 -5.23
N ALA A 233 3.14 18.81 -5.15
CA ALA A 233 4.44 18.48 -5.70
C ALA A 233 5.06 17.28 -4.98
N VAL A 234 4.92 17.23 -3.67
CA VAL A 234 5.47 16.11 -2.90
C VAL A 234 4.81 14.81 -3.34
N ASN A 235 3.50 14.85 -3.54
CA ASN A 235 2.79 13.64 -3.94
C ASN A 235 3.29 13.14 -5.30
N LEU A 236 3.43 14.04 -6.27
CA LEU A 236 3.94 13.64 -7.58
C LEU A 236 5.38 13.15 -7.49
N ALA A 237 6.15 13.70 -6.56
CA ALA A 237 7.53 13.27 -6.40
C ALA A 237 7.61 11.84 -5.88
N VAL A 238 6.79 11.50 -4.88
CA VAL A 238 6.72 10.14 -4.37
C VAL A 238 6.37 9.15 -5.48
N LEU A 239 5.35 9.47 -6.26
CA LEU A 239 4.94 8.57 -7.33
C LEU A 239 6.03 8.44 -8.39
N LYS A 240 6.73 9.54 -8.67
CA LYS A 240 7.85 9.49 -9.60
C LYS A 240 8.95 8.57 -9.07
N LEU A 241 9.32 8.75 -7.81
CA LEU A 241 10.34 7.89 -7.20
C LEU A 241 9.91 6.43 -7.19
N SER A 242 8.62 6.18 -6.92
CA SER A 242 8.11 4.81 -6.92
C SER A 242 8.29 4.16 -8.28
N GLU A 243 7.87 4.84 -9.34
CA GLU A 243 7.90 4.23 -10.66
C GLU A 243 9.32 4.13 -11.21
N GLN A 244 10.25 4.97 -10.76
CA GLN A 244 11.63 4.82 -11.19
C GLN A 244 12.33 3.66 -10.51
N GLY A 245 11.68 3.00 -9.55
CA GLY A 245 12.29 1.95 -8.79
C GLY A 245 13.17 2.43 -7.66
N LEU A 246 13.20 3.74 -7.40
CA LEU A 246 14.14 4.27 -6.41
C LEU A 246 13.70 3.98 -4.98
N LEU A 247 12.39 3.89 -4.72
CA LEU A 247 11.96 3.51 -3.38
C LEU A 247 12.35 2.07 -3.07
N ASP A 248 12.30 1.18 -4.07
CA ASP A 248 12.77 -0.19 -3.89
C ASP A 248 14.27 -0.24 -3.66
N LYS A 249 15.04 0.56 -4.42
CA LYS A 249 16.47 0.64 -4.20
C LYS A 249 16.78 1.07 -2.76
N LEU A 250 16.05 2.08 -2.27
CA LEU A 250 16.29 2.58 -0.93
C LEU A 250 15.97 1.53 0.12
N LYS A 251 14.90 0.76 -0.08
CA LYS A 251 14.58 -0.30 0.85
C LYS A 251 15.71 -1.32 0.93
N ASN A 252 16.22 -1.74 -0.23
CA ASN A 252 17.29 -2.73 -0.24
C ASN A 252 18.56 -2.18 0.39
N LYS A 253 18.80 -0.89 0.25
CA LYS A 253 19.99 -0.26 0.81
C LYS A 253 19.94 -0.27 2.33
N TRP A 254 18.77 0.02 2.91
CA TRP A 254 18.68 0.20 4.35
C TRP A 254 18.13 -1.01 5.09
N TRP A 255 17.58 -2.00 4.38
CA TRP A 255 17.19 -3.24 5.05
C TRP A 255 18.16 -4.37 4.75
N TYR A 256 18.20 -4.86 3.51
CA TYR A 256 18.93 -6.09 3.24
C TYR A 256 20.44 -5.84 3.31
N ASP A 257 20.89 -4.69 2.83
CA ASP A 257 22.31 -4.36 2.91
C ASP A 257 22.79 -4.21 4.35
N LYS A 258 21.90 -3.95 5.30
CA LYS A 258 22.27 -3.85 6.70
C LYS A 258 22.06 -5.14 7.47
N GLY A 259 21.60 -6.21 6.82
CA GLY A 259 21.38 -7.45 7.53
C GLY A 259 22.67 -7.99 8.11
N GLU A 260 22.60 -8.43 9.37
CA GLU A 260 23.75 -8.95 10.09
C GLU A 260 23.60 -10.42 10.49
N CYS A 261 22.49 -11.07 10.13
CA CYS A 261 22.19 -12.41 10.62
C CYS A 261 22.21 -13.46 9.51
N GLY A 262 23.04 -13.26 8.49
CA GLY A 262 23.18 -14.23 7.43
C GLY A 262 22.33 -13.95 6.21
N GLY B 1 -26.78 22.90 -5.77
CA GLY B 1 -28.08 22.46 -6.32
C GLY B 1 -28.57 21.16 -5.71
N ALA B 2 -29.64 20.60 -6.28
CA ALA B 2 -30.22 19.37 -5.78
C ALA B 2 -29.26 18.19 -5.99
N ASN B 3 -29.45 17.15 -5.18
CA ASN B 3 -28.61 15.96 -5.28
C ASN B 3 -28.92 15.21 -6.57
N LYS B 4 -27.87 14.84 -7.30
CA LYS B 4 -27.99 14.07 -8.53
C LYS B 4 -27.35 12.71 -8.38
N THR B 5 -27.78 11.78 -9.22
CA THR B 5 -27.24 10.44 -9.19
C THR B 5 -25.82 10.46 -9.73
N VAL B 6 -24.90 9.87 -8.96
CA VAL B 6 -23.49 9.85 -9.31
C VAL B 6 -23.25 8.74 -10.34
N VAL B 7 -22.60 9.09 -11.45
CA VAL B 7 -22.27 8.13 -12.50
C VAL B 7 -20.93 7.49 -12.17
N VAL B 8 -20.95 6.19 -11.92
CA VAL B 8 -19.77 5.40 -11.57
C VAL B 8 -19.34 4.62 -12.81
N THR B 9 -18.13 4.87 -13.29
CA THR B 9 -17.56 4.01 -14.34
C THR B 9 -16.78 2.87 -13.69
N THR B 10 -16.92 1.68 -14.24
CA THR B 10 -16.19 0.51 -13.75
C THR B 10 -15.98 -0.41 -14.95
N ILE B 11 -15.46 -1.60 -14.70
CA ILE B 11 -15.01 -2.47 -15.78
C ILE B 11 -15.31 -3.90 -15.39
N LEU B 12 -15.68 -4.73 -16.37
CA LEU B 12 -15.97 -6.13 -16.11
C LEU B 12 -14.64 -6.85 -15.96
N GLU B 13 -14.28 -7.13 -14.70
CA GLU B 13 -13.00 -7.74 -14.36
C GLU B 13 -13.26 -8.56 -13.11
N SER B 14 -13.13 -9.90 -13.22
CA SER B 14 -13.45 -10.73 -12.08
C SER B 14 -12.31 -10.66 -11.05
N PRO B 15 -12.63 -10.66 -9.74
CA PRO B 15 -13.94 -10.70 -9.10
C PRO B 15 -14.43 -9.31 -8.67
N TYR B 16 -13.89 -8.27 -9.31
CA TYR B 16 -14.23 -6.91 -8.93
C TYR B 16 -15.64 -6.57 -9.39
N VAL B 17 -15.95 -6.86 -10.66
CA VAL B 17 -17.29 -6.65 -11.22
C VAL B 17 -17.57 -7.82 -12.15
N MET B 18 -18.67 -8.52 -11.89
CA MET B 18 -19.05 -9.69 -12.65
C MET B 18 -20.56 -9.65 -12.87
N MET B 19 -21.01 -10.24 -13.98
CA MET B 19 -22.44 -10.36 -14.21
C MET B 19 -23.04 -11.40 -13.27
N LYS B 20 -24.13 -11.04 -12.59
CA LYS B 20 -24.83 -11.99 -11.75
C LYS B 20 -25.43 -13.13 -12.56
N LYS B 21 -25.57 -14.28 -11.92
CA LYS B 21 -26.44 -15.32 -12.43
C LYS B 21 -27.84 -14.75 -12.59
N ASN B 22 -28.43 -14.93 -13.76
CA ASN B 22 -29.75 -14.42 -14.08
C ASN B 22 -29.76 -12.91 -14.28
N HIS B 23 -28.62 -12.32 -14.64
CA HIS B 23 -28.54 -10.89 -14.87
C HIS B 23 -29.57 -10.43 -15.90
N GLU B 24 -29.95 -11.32 -16.83
CA GLU B 24 -30.92 -10.93 -17.84
C GLU B 24 -32.29 -10.65 -17.24
N MET B 25 -32.56 -11.12 -16.01
CA MET B 25 -33.81 -10.82 -15.32
C MET B 25 -33.71 -9.57 -14.46
N LEU B 26 -32.52 -8.99 -14.32
CA LEU B 26 -32.27 -7.85 -13.45
C LEU B 26 -31.99 -6.59 -14.26
N GLU B 27 -32.01 -5.44 -13.58
CA GLU B 27 -31.75 -4.17 -14.23
C GLU B 27 -30.96 -3.26 -13.29
N GLY B 28 -30.25 -2.30 -13.88
CA GLY B 28 -29.50 -1.35 -13.09
C GLY B 28 -28.37 -2.00 -12.31
N ASN B 29 -28.11 -1.49 -11.12
CA ASN B 29 -26.97 -1.96 -10.35
C ASN B 29 -27.11 -3.41 -9.94
N GLU B 30 -28.33 -3.93 -9.92
CA GLU B 30 -28.58 -5.32 -9.51
C GLU B 30 -28.05 -6.33 -10.52
N ARG B 31 -27.68 -5.89 -11.72
CA ARG B 31 -27.12 -6.81 -12.70
C ARG B 31 -25.76 -7.32 -12.29
N TYR B 32 -25.06 -6.60 -11.42
CA TYR B 32 -23.64 -6.82 -11.19
C TYR B 32 -23.39 -7.27 -9.75
N GLU B 33 -22.28 -7.99 -9.57
CA GLU B 33 -21.82 -8.38 -8.24
C GLU B 33 -20.29 -8.36 -8.24
N GLY B 34 -19.74 -8.33 -7.03
CA GLY B 34 -18.29 -8.40 -6.89
C GLY B 34 -17.71 -7.43 -5.88
N TYR B 35 -16.38 -7.50 -5.74
CA TYR B 35 -15.69 -6.71 -4.73
C TYR B 35 -15.98 -5.22 -4.91
N CYS B 36 -15.85 -4.71 -6.13
CA CYS B 36 -16.05 -3.29 -6.37
C CYS B 36 -17.52 -2.90 -6.35
N VAL B 37 -18.43 -3.84 -6.61
CA VAL B 37 -19.85 -3.58 -6.42
C VAL B 37 -20.15 -3.38 -4.94
N ASP B 38 -19.65 -4.28 -4.10
CA ASP B 38 -19.78 -4.11 -2.65
C ASP B 38 -19.12 -2.82 -2.19
N LEU B 39 -17.93 -2.52 -2.73
CA LEU B 39 -17.21 -1.32 -2.30
C LEU B 39 -17.97 -0.05 -2.67
N ALA B 40 -18.53 0.00 -3.88
CA ALA B 40 -19.34 1.13 -4.29
C ALA B 40 -20.48 1.37 -3.31
N ALA B 41 -21.18 0.30 -2.93
CA ALA B 41 -22.30 0.44 -2.02
C ALA B 41 -21.85 1.00 -0.68
N GLU B 42 -20.69 0.55 -0.17
CA GLU B 42 -20.18 1.04 1.11
C GLU B 42 -19.76 2.50 1.01
N ILE B 43 -19.06 2.87 -0.07
CA ILE B 43 -18.65 4.27 -0.26
C ILE B 43 -19.88 5.16 -0.37
N ALA B 44 -20.86 4.74 -1.18
CA ALA B 44 -22.06 5.56 -1.36
C ALA B 44 -22.79 5.77 -0.05
N LYS B 45 -22.83 4.74 0.80
CA LYS B 45 -23.53 4.88 2.07
C LYS B 45 -22.81 5.82 3.03
N HIS B 46 -21.49 5.74 3.10
CA HIS B 46 -20.76 6.63 3.99
C HIS B 46 -20.78 8.06 3.47
N CYS B 47 -20.71 8.24 2.15
CA CYS B 47 -20.74 9.57 1.58
C CYS B 47 -22.16 10.08 1.31
N GLY B 48 -23.14 9.19 1.33
CA GLY B 48 -24.54 9.59 1.24
C GLY B 48 -24.97 10.06 -0.13
N PHE B 49 -24.62 9.31 -1.19
CA PHE B 49 -25.08 9.64 -2.53
C PHE B 49 -25.69 8.40 -3.18
N LYS B 50 -26.60 8.65 -4.11
CA LYS B 50 -27.14 7.62 -4.99
C LYS B 50 -26.26 7.52 -6.23
N TYR B 51 -26.21 6.33 -6.83
CA TYR B 51 -25.27 6.12 -7.92
C TYR B 51 -25.81 5.09 -8.91
N LYS B 52 -25.23 5.13 -10.11
CA LYS B 52 -25.53 4.20 -11.19
C LYS B 52 -24.21 3.64 -11.70
N LEU B 53 -24.06 2.32 -11.63
CA LEU B 53 -22.87 1.67 -12.17
C LEU B 53 -22.98 1.56 -13.69
N THR B 54 -21.92 1.97 -14.39
CA THR B 54 -21.88 1.90 -15.85
CA THR B 54 -21.87 1.90 -15.85
C THR B 54 -20.56 1.25 -16.27
N ILE B 55 -20.65 0.22 -17.10
CA ILE B 55 -19.43 -0.45 -17.57
C ILE B 55 -18.79 0.39 -18.67
N VAL B 56 -17.49 0.64 -18.55
CA VAL B 56 -16.80 1.50 -19.51
C VAL B 56 -16.97 0.95 -20.91
N GLY B 57 -17.35 1.84 -21.85
CA GLY B 57 -17.75 1.40 -23.17
C GLY B 57 -16.67 0.63 -23.92
N ASP B 58 -15.43 1.09 -23.85
CA ASP B 58 -14.36 0.46 -24.62
C ASP B 58 -13.64 -0.66 -23.87
N GLY B 59 -14.05 -0.96 -22.64
CA GLY B 59 -13.47 -2.05 -21.88
C GLY B 59 -12.02 -1.87 -21.48
N LYS B 60 -11.53 -0.64 -21.41
CA LYS B 60 -10.13 -0.36 -21.11
C LYS B 60 -9.99 0.38 -19.78
N TYR B 61 -8.82 0.20 -19.15
CA TYR B 61 -8.52 0.90 -17.90
C TYR B 61 -8.19 2.36 -18.18
N GLY B 62 -7.23 2.62 -19.07
CA GLY B 62 -6.94 3.98 -19.45
C GLY B 62 -5.50 4.24 -19.84
N ALA B 63 -5.30 4.69 -21.07
CA ALA B 63 -3.99 5.10 -21.55
C ALA B 63 -4.16 6.32 -22.44
N ARG B 64 -3.09 7.09 -22.59
CA ARG B 64 -3.11 8.31 -23.39
C ARG B 64 -2.49 8.01 -24.75
N ASP B 65 -3.25 8.28 -25.81
CA ASP B 65 -2.74 8.08 -27.17
C ASP B 65 -1.61 9.06 -27.44
N ALA B 66 -0.44 8.52 -27.80
CA ALA B 66 0.74 9.35 -28.00
C ALA B 66 0.51 10.43 -29.05
N ASP B 67 -0.24 10.12 -30.11
CA ASP B 67 -0.44 11.07 -31.20
C ASP B 67 -1.50 12.11 -30.83
N THR B 68 -2.73 11.67 -30.58
CA THR B 68 -3.82 12.60 -30.29
C THR B 68 -3.78 13.12 -28.85
N LYS B 69 -3.04 12.44 -27.97
CA LYS B 69 -2.99 12.76 -26.55
C LYS B 69 -4.37 12.63 -25.88
N ILE B 70 -5.26 11.86 -26.50
CA ILE B 70 -6.59 11.61 -25.94
C ILE B 70 -6.51 10.41 -25.02
N TRP B 71 -7.10 10.56 -23.83
CA TRP B 71 -7.21 9.46 -22.88
C TRP B 71 -8.39 8.56 -23.23
N ASN B 72 -8.19 7.24 -23.12
CA ASN B 72 -9.26 6.28 -23.32
C ASN B 72 -9.63 5.61 -21.98
N GLY B 73 -10.50 4.62 -22.05
CA GLY B 73 -10.83 3.84 -20.86
C GLY B 73 -11.54 4.65 -19.78
N MET B 74 -11.48 4.09 -18.57
CA MET B 74 -12.09 4.74 -17.41
C MET B 74 -11.44 6.09 -17.14
N VAL B 75 -10.13 6.21 -17.35
CA VAL B 75 -9.48 7.50 -17.16
C VAL B 75 -10.12 8.53 -18.08
N GLY B 76 -10.31 8.19 -19.35
CA GLY B 76 -10.95 9.10 -20.29
C GLY B 76 -12.36 9.49 -19.88
N GLU B 77 -13.14 8.52 -19.39
CA GLU B 77 -14.49 8.84 -18.89
C GLU B 77 -14.46 9.94 -17.83
N LEU B 78 -13.48 9.89 -16.92
CA LEU B 78 -13.36 10.95 -15.92
C LEU B 78 -12.84 12.24 -16.54
N VAL B 79 -11.82 12.14 -17.38
CA VAL B 79 -11.18 13.34 -17.93
C VAL B 79 -12.19 14.16 -18.72
N TYR B 80 -13.05 13.51 -19.50
CA TYR B 80 -13.95 14.21 -20.40
C TYR B 80 -15.35 14.38 -19.83
N GLY B 81 -15.54 14.03 -18.56
CA GLY B 81 -16.78 14.37 -17.88
C GLY B 81 -17.93 13.42 -18.13
N LYS B 82 -17.65 12.20 -18.57
CA LYS B 82 -18.71 11.23 -18.84
C LYS B 82 -19.07 10.40 -17.62
N ALA B 83 -18.21 10.39 -16.60
CA ALA B 83 -18.47 9.74 -15.33
C ALA B 83 -17.98 10.65 -14.22
N ASP B 84 -18.57 10.47 -13.03
CA ASP B 84 -18.23 11.27 -11.87
C ASP B 84 -17.19 10.61 -10.97
N ILE B 85 -17.03 9.29 -11.07
CA ILE B 85 -16.15 8.55 -10.17
C ILE B 85 -15.88 7.19 -10.82
N ALA B 86 -14.69 6.65 -10.58
CA ALA B 86 -14.34 5.31 -11.04
C ALA B 86 -14.08 4.45 -9.82
N ILE B 87 -14.81 3.35 -9.72
CA ILE B 87 -14.67 2.40 -8.61
C ILE B 87 -14.34 1.07 -9.27
N ALA B 88 -13.06 0.74 -9.31
CA ALA B 88 -12.54 -0.34 -10.14
C ALA B 88 -11.11 -0.62 -9.70
N PRO B 89 -10.50 -1.72 -10.13
CA PRO B 89 -9.09 -1.98 -9.84
C PRO B 89 -8.19 -1.12 -10.72
N LEU B 90 -8.22 0.18 -10.44
CA LEU B 90 -7.54 1.19 -11.24
C LEU B 90 -6.28 1.60 -10.51
N THR B 91 -5.13 1.33 -11.12
CA THR B 91 -3.84 1.49 -10.46
C THR B 91 -3.44 2.96 -10.38
N ILE B 92 -2.98 3.38 -9.21
CA ILE B 92 -2.44 4.72 -8.99
C ILE B 92 -1.11 4.83 -9.74
N THR B 93 -1.02 5.77 -10.67
CA THR B 93 0.23 6.00 -11.40
C THR B 93 0.47 7.51 -11.53
N LEU B 94 1.72 7.86 -11.77
CA LEU B 94 2.09 9.26 -11.89
C LEU B 94 1.35 9.93 -13.05
N VAL B 95 1.37 9.29 -14.22
CA VAL B 95 0.77 9.94 -15.39
C VAL B 95 -0.72 10.16 -15.17
N ARG B 96 -1.39 9.23 -14.50
CA ARG B 96 -2.83 9.41 -14.22
C ARG B 96 -3.07 10.48 -13.17
N GLU B 97 -2.25 10.51 -12.10
CA GLU B 97 -2.37 11.54 -11.08
C GLU B 97 -2.15 12.94 -11.62
N GLU B 98 -1.51 13.07 -12.77
CA GLU B 98 -1.39 14.39 -13.39
C GLU B 98 -2.69 14.87 -14.00
N VAL B 99 -3.69 14.00 -14.23
CA VAL B 99 -4.92 14.41 -14.89
C VAL B 99 -6.18 14.08 -14.12
N ILE B 100 -6.16 13.14 -13.16
CA ILE B 100 -7.31 12.84 -12.32
C ILE B 100 -6.84 12.77 -10.86
N ASP B 101 -7.79 12.63 -9.95
CA ASP B 101 -7.51 12.47 -8.53
C ASP B 101 -7.75 11.02 -8.11
N PHE B 102 -6.95 10.56 -7.15
CA PHE B 102 -7.09 9.23 -6.58
C PHE B 102 -7.22 9.32 -5.06
N SER B 103 -8.10 8.50 -4.50
CA SER B 103 -8.15 8.29 -3.07
C SER B 103 -6.88 7.58 -2.60
N LYS B 104 -6.68 7.56 -1.28
CA LYS B 104 -5.72 6.62 -0.71
C LYS B 104 -6.09 5.21 -1.15
N PRO B 105 -5.11 4.31 -1.25
CA PRO B 105 -5.39 3.01 -1.87
C PRO B 105 -6.32 2.15 -1.03
N PHE B 106 -7.18 1.39 -1.71
CA PHE B 106 -8.04 0.44 -1.01
C PHE B 106 -7.55 -1.00 -1.12
N MET B 107 -6.54 -1.26 -1.96
CA MET B 107 -5.99 -2.59 -2.10
C MET B 107 -4.58 -2.47 -2.67
N SER B 108 -3.69 -3.34 -2.22
CA SER B 108 -2.31 -3.40 -2.70
CA SER B 108 -2.32 -3.38 -2.72
C SER B 108 -2.18 -4.41 -3.83
N LEU B 109 -1.20 -4.18 -4.70
CA LEU B 109 -0.88 -5.16 -5.72
C LEU B 109 0.54 -4.91 -6.22
N GLY B 110 1.07 -5.92 -6.91
CA GLY B 110 2.28 -5.76 -7.70
C GLY B 110 2.17 -6.59 -8.96
N ILE B 111 2.97 -6.21 -9.97
CA ILE B 111 3.05 -6.99 -11.19
C ILE B 111 3.62 -8.37 -10.87
N SER B 112 3.06 -9.39 -11.50
CA SER B 112 3.42 -10.77 -11.18
C SER B 112 3.38 -11.60 -12.46
N ILE B 113 3.84 -12.84 -12.34
CA ILE B 113 3.95 -13.75 -13.46
C ILE B 113 2.97 -14.90 -13.25
N MET B 114 2.15 -15.16 -14.27
CA MET B 114 1.27 -16.33 -14.31
C MET B 114 1.79 -17.31 -15.36
N ILE B 115 1.96 -18.56 -14.95
CA ILE B 115 2.37 -19.65 -15.84
C ILE B 115 1.35 -20.77 -15.75
N LYS B 116 1.34 -21.60 -16.79
CA LYS B 116 0.67 -22.89 -16.70
C LYS B 116 1.51 -23.82 -15.84
N LYS B 117 0.86 -24.57 -14.95
CA LYS B 117 1.61 -25.41 -14.01
C LYS B 117 2.62 -26.26 -14.75
N GLY B 118 3.85 -26.28 -14.23
CA GLY B 118 4.94 -27.06 -14.80
C GLY B 118 5.86 -26.30 -15.72
N THR B 119 5.50 -25.07 -16.10
CA THR B 119 6.35 -24.27 -16.95
C THR B 119 7.68 -24.01 -16.24
N PRO B 120 8.83 -24.25 -16.88
CA PRO B 120 10.12 -24.06 -16.19
C PRO B 120 10.55 -22.59 -16.11
N ILE B 121 9.75 -21.81 -15.41
CA ILE B 121 10.01 -20.38 -15.19
C ILE B 121 9.76 -20.09 -13.71
N GLU B 122 10.69 -19.37 -13.10
CA GLU B 122 10.56 -18.97 -11.70
C GLU B 122 10.65 -17.48 -11.47
N SER B 123 10.98 -16.68 -12.48
CA SER B 123 11.23 -15.26 -12.26
C SER B 123 11.19 -14.51 -13.58
N ALA B 124 11.12 -13.17 -13.48
CA ALA B 124 11.24 -12.33 -14.66
C ALA B 124 12.62 -12.46 -15.29
N GLU B 125 13.66 -12.61 -14.48
CA GLU B 125 14.98 -12.82 -15.04
C GLU B 125 15.00 -14.09 -15.89
N ASP B 126 14.32 -15.15 -15.42
CA ASP B 126 14.21 -16.38 -16.21
C ASP B 126 13.55 -16.11 -17.55
N LEU B 127 12.46 -15.36 -17.55
CA LEU B 127 11.78 -15.02 -18.80
C LEU B 127 12.70 -14.27 -19.74
N SER B 128 13.46 -13.30 -19.22
CA SER B 128 14.28 -12.43 -20.05
C SER B 128 15.45 -13.16 -20.70
N LYS B 129 15.86 -14.31 -20.17
CA LYS B 129 17.05 -14.99 -20.65
C LYS B 129 16.74 -16.16 -21.57
N GLN B 130 15.52 -16.20 -22.12
CA GLN B 130 15.13 -17.30 -23.00
C GLN B 130 14.11 -16.77 -24.00
N THR B 131 13.83 -17.59 -25.01
CA THR B 131 12.93 -17.22 -26.09
C THR B 131 11.88 -18.28 -26.42
N GLU B 132 11.96 -19.48 -25.85
CA GLU B 132 10.99 -20.52 -26.15
C GLU B 132 9.61 -20.17 -25.62
N ILE B 133 9.55 -19.50 -24.47
CA ILE B 133 8.29 -19.13 -23.84
C ILE B 133 8.03 -17.65 -24.10
N ALA B 134 6.95 -17.37 -24.81
CA ALA B 134 6.56 -15.99 -25.05
C ALA B 134 5.86 -15.42 -23.82
N TYR B 135 5.79 -14.09 -23.74
CA TYR B 135 5.12 -13.45 -22.62
C TYR B 135 4.68 -12.06 -22.99
N GLY B 136 3.58 -11.62 -22.38
CA GLY B 136 3.03 -10.31 -22.65
C GLY B 136 2.14 -9.81 -21.52
N THR B 137 1.44 -8.70 -21.80
CA THR B 137 0.66 -7.96 -20.81
C THR B 137 -0.67 -7.55 -21.42
N LEU B 138 -1.50 -6.95 -20.58
CA LEU B 138 -2.74 -6.33 -21.03
C LEU B 138 -2.46 -5.00 -21.75
N ASP B 139 -3.26 -4.71 -22.77
CA ASP B 139 -3.21 -3.43 -23.46
C ASP B 139 -3.88 -2.34 -22.63
N SER B 140 -3.39 -1.10 -22.81
CA SER B 140 -4.06 0.10 -22.31
C SER B 140 -4.15 0.13 -20.78
N GLY B 141 -3.12 -0.40 -20.12
CA GLY B 141 -3.10 -0.47 -18.67
C GLY B 141 -1.75 -0.08 -18.09
N SER B 142 -1.69 -0.15 -16.76
CA SER B 142 -0.50 0.29 -16.04
C SER B 142 0.63 -0.70 -16.17
N THR B 143 0.32 -1.98 -16.38
CA THR B 143 1.39 -2.97 -16.49
C THR B 143 2.20 -2.75 -17.77
N LYS B 144 1.52 -2.54 -18.89
CA LYS B 144 2.22 -2.31 -20.15
C LYS B 144 3.05 -1.03 -20.06
N GLU B 145 2.50 0.01 -19.44
CA GLU B 145 3.23 1.26 -19.27
C GLU B 145 4.44 1.07 -18.37
N PHE B 146 4.32 0.24 -17.34
CA PHE B 146 5.45 -0.05 -16.47
C PHE B 146 6.65 -0.53 -17.26
N PHE B 147 6.43 -1.50 -18.15
CA PHE B 147 7.55 -2.06 -18.92
C PHE B 147 8.04 -1.07 -19.95
N ARG B 148 7.14 -0.32 -20.59
CA ARG B 148 7.56 0.65 -21.60
C ARG B 148 8.49 1.69 -21.00
N ARG B 149 8.22 2.11 -19.77
CA ARG B 149 8.94 3.22 -19.16
C ARG B 149 10.11 2.79 -18.30
N SER B 150 10.28 1.49 -18.04
CA SER B 150 11.28 1.03 -17.10
C SER B 150 12.69 1.17 -17.66
N LYS B 151 13.62 1.56 -16.79
CA LYS B 151 15.04 1.55 -17.11
C LYS B 151 15.79 0.44 -16.41
N ILE B 152 15.10 -0.39 -15.62
CA ILE B 152 15.73 -1.56 -15.01
C ILE B 152 16.09 -2.56 -16.11
N ALA B 153 17.32 -3.08 -16.06
CA ALA B 153 17.85 -3.88 -17.16
C ALA B 153 16.92 -5.02 -17.55
N VAL B 154 16.50 -5.83 -16.58
CA VAL B 154 15.68 -6.99 -16.92
C VAL B 154 14.36 -6.55 -17.54
N PHE B 155 13.71 -5.55 -16.95
CA PHE B 155 12.41 -5.13 -17.45
C PHE B 155 12.54 -4.42 -18.81
N ASP B 156 13.63 -3.68 -19.01
CA ASP B 156 13.86 -3.04 -20.29
C ASP B 156 14.09 -4.07 -21.39
N LYS B 157 14.84 -5.14 -21.07
CA LYS B 157 15.04 -6.22 -22.02
C LYS B 157 13.73 -6.91 -22.35
N MET B 158 12.87 -7.11 -21.33
CA MET B 158 11.57 -7.70 -21.57
C MET B 158 10.71 -6.82 -22.48
N TRP B 159 10.69 -5.52 -22.23
CA TRP B 159 9.91 -4.61 -23.09
C TRP B 159 10.43 -4.63 -24.52
N THR B 160 11.74 -4.58 -24.70
CA THR B 160 12.31 -4.60 -26.04
C THR B 160 11.83 -5.84 -26.80
N TYR B 161 11.75 -6.98 -26.12
CA TYR B 161 11.22 -8.19 -26.76
C TYR B 161 9.73 -8.08 -27.01
N MET B 162 8.96 -7.68 -25.98
CA MET B 162 7.51 -7.71 -26.08
C MET B 162 7.01 -6.76 -27.17
N ARG B 163 7.60 -5.57 -27.27
CA ARG B 163 7.10 -4.58 -28.21
C ARG B 163 7.23 -5.02 -29.65
N SER B 164 8.14 -5.95 -29.95
CA SER B 164 8.39 -6.37 -31.33
C SER B 164 8.02 -7.82 -31.59
N ALA B 165 7.47 -8.52 -30.60
CA ALA B 165 7.18 -9.94 -30.77
C ALA B 165 6.06 -10.12 -31.78
N GLU B 166 6.16 -11.20 -32.57
CA GLU B 166 5.15 -11.51 -33.57
C GLU B 166 4.88 -13.01 -33.51
N PRO B 167 3.61 -13.44 -33.40
CA PRO B 167 2.41 -12.62 -33.28
C PRO B 167 2.38 -11.84 -31.96
N SER B 168 1.52 -10.83 -31.88
CA SER B 168 1.48 -9.95 -30.72
C SER B 168 1.32 -10.74 -29.42
N VAL B 169 2.07 -10.32 -28.41
CA VAL B 169 1.99 -10.93 -27.09
C VAL B 169 1.02 -10.20 -26.16
N PHE B 170 0.44 -9.09 -26.62
CA PHE B 170 -0.46 -8.32 -25.79
C PHE B 170 -1.89 -8.80 -25.98
N VAL B 171 -2.70 -8.65 -24.92
CA VAL B 171 -4.09 -9.06 -24.95
C VAL B 171 -4.99 -7.88 -24.57
N ARG B 172 -6.24 -7.96 -25.02
CA ARG B 172 -7.21 -6.89 -24.80
C ARG B 172 -7.93 -6.99 -23.46
N THR B 173 -7.99 -8.20 -22.89
CA THR B 173 -8.68 -8.43 -21.62
C THR B 173 -7.89 -9.45 -20.83
N THR B 174 -8.04 -9.38 -19.51
CA THR B 174 -7.37 -10.35 -18.65
C THR B 174 -7.77 -11.77 -19.02
N ALA B 175 -9.07 -11.98 -19.31
CA ALA B 175 -9.55 -13.30 -19.68
C ALA B 175 -8.80 -13.87 -20.89
N GLU B 176 -8.51 -13.01 -21.87
CA GLU B 176 -7.77 -13.46 -23.05
C GLU B 176 -6.35 -13.89 -22.68
N GLY B 177 -5.72 -13.19 -21.74
CA GLY B 177 -4.40 -13.61 -21.27
C GLY B 177 -4.44 -14.96 -20.56
N VAL B 178 -5.44 -15.16 -19.70
CA VAL B 178 -5.58 -16.43 -19.02
C VAL B 178 -5.78 -17.57 -20.04
N ALA B 179 -6.66 -17.37 -21.01
CA ALA B 179 -6.88 -18.39 -22.03
C ALA B 179 -5.59 -18.71 -22.78
N ARG B 180 -4.80 -17.70 -23.08
CA ARG B 180 -3.55 -17.94 -23.79
C ARG B 180 -2.58 -18.76 -22.95
N VAL B 181 -2.48 -18.47 -21.65
CA VAL B 181 -1.67 -19.31 -20.77
C VAL B 181 -2.17 -20.75 -20.83
N ARG B 182 -3.47 -20.94 -20.62
CA ARG B 182 -4.01 -22.30 -20.50
C ARG B 182 -3.90 -23.09 -21.79
N LYS B 183 -3.95 -22.43 -22.95
CA LYS B 183 -4.00 -23.14 -24.22
C LYS B 183 -2.65 -23.28 -24.91
N SER B 184 -1.59 -22.67 -24.38
CA SER B 184 -0.31 -22.63 -25.08
C SER B 184 0.68 -23.68 -24.60
N LYS B 185 0.23 -24.65 -23.79
CA LYS B 185 1.05 -25.81 -23.43
C LYS B 185 2.37 -25.39 -22.79
N GLY B 186 2.36 -24.30 -22.03
CA GLY B 186 3.52 -23.81 -21.32
C GLY B 186 4.40 -22.87 -22.12
N LYS B 187 3.98 -22.48 -23.32
CA LYS B 187 4.78 -21.62 -24.18
C LYS B 187 4.37 -20.15 -24.11
N TYR B 188 3.47 -19.80 -23.20
CA TYR B 188 3.12 -18.41 -22.97
C TYR B 188 2.99 -18.17 -21.47
N ALA B 189 3.57 -17.07 -21.02
CA ALA B 189 3.43 -16.61 -19.65
C ALA B 189 2.82 -15.22 -19.70
N TYR B 190 2.00 -14.91 -18.70
CA TYR B 190 1.22 -13.69 -18.69
C TYR B 190 1.64 -12.83 -17.52
N LEU B 191 1.95 -11.55 -17.80
CA LEU B 191 2.31 -10.58 -16.78
C LEU B 191 1.08 -9.79 -16.41
N LEU B 192 0.66 -9.92 -15.14
CA LEU B 192 -0.56 -9.29 -14.65
C LEU B 192 -0.43 -9.01 -13.16
N GLU B 193 -1.39 -8.26 -12.64
CA GLU B 193 -1.34 -7.83 -11.25
C GLU B 193 -1.61 -8.99 -10.31
N SER B 194 -0.90 -8.99 -9.18
CA SER B 194 -0.92 -10.12 -8.26
C SER B 194 -2.33 -10.45 -7.76
N THR B 195 -3.16 -9.43 -7.60
CA THR B 195 -4.55 -9.61 -7.18
C THR B 195 -5.31 -10.50 -8.15
N MET B 196 -5.25 -10.18 -9.45
CA MET B 196 -5.94 -10.99 -10.45
CA MET B 196 -5.96 -10.99 -10.43
C MET B 196 -5.31 -12.37 -10.56
N ASN B 197 -3.98 -12.42 -10.50
CA ASN B 197 -3.26 -13.70 -10.57
C ASN B 197 -3.73 -14.63 -9.45
N GLU B 198 -3.78 -14.11 -8.22
CA GLU B 198 -4.18 -14.93 -7.06
C GLU B 198 -5.63 -15.37 -7.16
N TYR B 199 -6.49 -14.53 -7.71
CA TYR B 199 -7.88 -14.94 -7.91
C TYR B 199 -7.97 -16.11 -8.90
N ILE B 200 -7.32 -15.97 -10.05
CA ILE B 200 -7.43 -16.99 -11.08
C ILE B 200 -6.82 -18.30 -10.61
N GLU B 201 -5.77 -18.23 -9.81
CA GLU B 201 -5.13 -19.43 -9.29
C GLU B 201 -6.10 -20.31 -8.51
N GLN B 202 -7.15 -19.72 -7.95
CA GLN B 202 -8.13 -20.46 -7.17
C GLN B 202 -9.41 -20.76 -7.95
N ARG B 203 -9.40 -20.62 -9.27
CA ARG B 203 -10.55 -20.96 -10.10
C ARG B 203 -10.25 -22.19 -10.96
N LYS B 204 -11.29 -22.98 -11.21
CA LYS B 204 -11.15 -24.13 -12.08
C LYS B 204 -10.67 -23.69 -13.46
N PRO B 205 -9.87 -24.50 -14.16
CA PRO B 205 -9.46 -25.87 -13.78
C PRO B 205 -8.17 -25.95 -12.93
N CYS B 206 -7.81 -24.89 -12.19
CA CYS B 206 -6.71 -24.95 -11.24
C CYS B 206 -5.40 -25.33 -11.91
N ASP B 207 -5.11 -24.72 -13.06
CA ASP B 207 -3.98 -25.13 -13.87
C ASP B 207 -2.96 -24.01 -14.05
N THR B 208 -3.07 -22.92 -13.29
CA THR B 208 -2.11 -21.83 -13.36
C THR B 208 -1.42 -21.64 -12.01
N MET B 209 -0.31 -20.92 -12.04
CA MET B 209 0.49 -20.69 -10.84
C MET B 209 1.12 -19.31 -10.95
N LYS B 210 1.15 -18.61 -9.83
CA LYS B 210 1.93 -17.38 -9.70
C LYS B 210 3.34 -17.75 -9.27
N VAL B 211 4.35 -17.23 -9.98
CA VAL B 211 5.73 -17.55 -9.67
C VAL B 211 6.53 -16.27 -9.48
N GLY B 212 7.51 -16.35 -8.58
CA GLY B 212 8.40 -15.24 -8.29
C GLY B 212 7.78 -14.19 -7.41
N GLY B 213 8.62 -13.27 -6.95
CA GLY B 213 8.12 -12.13 -6.22
C GLY B 213 7.51 -11.10 -7.15
N ASN B 214 6.74 -10.18 -6.56
CA ASN B 214 6.17 -9.08 -7.35
C ASN B 214 7.28 -8.19 -7.89
N LEU B 215 7.05 -7.63 -9.08
CA LEU B 215 8.02 -6.78 -9.73
C LEU B 215 7.97 -5.34 -9.26
N ASP B 216 6.86 -4.91 -8.69
CA ASP B 216 6.75 -3.57 -8.13
C ASP B 216 5.69 -3.61 -7.02
N SER B 217 5.47 -2.46 -6.38
CA SER B 217 4.52 -2.34 -5.27
CA SER B 217 4.53 -2.34 -5.26
C SER B 217 3.64 -1.12 -5.51
N LYS B 218 2.35 -1.36 -5.71
CA LYS B 218 1.43 -0.25 -6.01
C LYS B 218 0.11 -0.52 -5.29
N GLY B 219 -0.90 0.26 -5.67
CA GLY B 219 -2.23 0.10 -5.12
C GLY B 219 -3.27 0.62 -6.08
N TYR B 220 -4.50 0.18 -5.85
CA TYR B 220 -5.68 0.68 -6.53
C TYR B 220 -6.28 1.81 -5.71
N GLY B 221 -6.82 2.82 -6.39
CA GLY B 221 -7.51 3.91 -5.73
C GLY B 221 -8.82 4.22 -6.45
N ILE B 222 -9.74 4.80 -5.70
CA ILE B 222 -10.98 5.32 -6.30
C ILE B 222 -10.68 6.67 -6.93
N ALA B 223 -11.04 6.83 -8.19
CA ALA B 223 -10.63 8.00 -8.96
C ALA B 223 -11.79 8.95 -9.19
N THR B 224 -11.49 10.24 -9.20
CA THR B 224 -12.44 11.30 -9.49
C THR B 224 -11.79 12.32 -10.41
N PRO B 225 -12.58 13.13 -11.11
CA PRO B 225 -11.99 14.20 -11.90
C PRO B 225 -11.31 15.21 -11.00
N LYS B 226 -10.30 15.88 -11.55
CA LYS B 226 -9.56 16.86 -10.75
C LYS B 226 -10.49 17.95 -10.24
N GLY B 227 -10.36 18.26 -8.96
CA GLY B 227 -11.19 19.26 -8.31
C GLY B 227 -12.57 18.80 -7.93
N SER B 228 -12.86 17.51 -8.06
CA SER B 228 -14.18 17.01 -7.72
C SER B 228 -14.48 17.19 -6.25
N SER B 229 -15.72 17.61 -5.95
CA SER B 229 -16.16 17.77 -4.57
C SER B 229 -16.31 16.45 -3.84
N LEU B 230 -16.32 15.32 -4.55
CA LEU B 230 -16.47 14.01 -3.92
C LEU B 230 -15.17 13.46 -3.38
N GLY B 231 -14.02 13.99 -3.82
CA GLY B 231 -12.75 13.35 -3.52
C GLY B 231 -12.48 13.22 -2.03
N ASN B 232 -12.69 14.30 -1.28
CA ASN B 232 -12.36 14.30 0.14
C ASN B 232 -13.19 13.27 0.90
N ALA B 233 -14.50 13.27 0.67
CA ALA B 233 -15.36 12.34 1.38
C ALA B 233 -15.03 10.89 1.02
N VAL B 234 -14.76 10.65 -0.27
CA VAL B 234 -14.45 9.29 -0.70
C VAL B 234 -13.17 8.82 -0.04
N ASN B 235 -12.17 9.71 0.03
CA ASN B 235 -10.91 9.38 0.64
C ASN B 235 -11.08 8.99 2.11
N LEU B 236 -11.86 9.78 2.86
CA LEU B 236 -12.09 9.44 4.26
C LEU B 236 -12.89 8.15 4.39
N ALA B 237 -13.78 7.89 3.44
CA ALA B 237 -14.57 6.66 3.48
C ALA B 237 -13.67 5.44 3.30
N VAL B 238 -12.73 5.50 2.36
CA VAL B 238 -11.80 4.40 2.13
C VAL B 238 -11.02 4.10 3.41
N LEU B 239 -10.49 5.15 4.04
CA LEU B 239 -9.69 4.95 5.25
C LEU B 239 -10.53 4.39 6.39
N LYS B 240 -11.78 4.83 6.50
CA LYS B 240 -12.65 4.27 7.52
C LYS B 240 -12.89 2.79 7.28
N LEU B 241 -13.24 2.44 6.05
CA LEU B 241 -13.49 1.04 5.72
C LEU B 241 -12.25 0.20 5.96
N SER B 242 -11.07 0.75 5.65
CA SER B 242 -9.83 0.02 5.88
C SER B 242 -9.63 -0.28 7.37
N GLU B 243 -9.75 0.73 8.22
CA GLU B 243 -9.44 0.53 9.62
C GLU B 243 -10.48 -0.32 10.32
N GLN B 244 -11.72 -0.36 9.83
CA GLN B 244 -12.73 -1.24 10.41
C GLN B 244 -12.53 -2.70 10.02
N GLY B 245 -11.58 -3.00 9.14
CA GLY B 245 -11.38 -4.34 8.66
C GLY B 245 -12.31 -4.76 7.55
N LEU B 246 -13.13 -3.84 7.03
CA LEU B 246 -14.12 -4.23 6.03
C LEU B 246 -13.48 -4.50 4.67
N LEU B 247 -12.39 -3.80 4.35
CA LEU B 247 -11.71 -4.12 3.09
C LEU B 247 -11.08 -5.51 3.12
N ASP B 248 -10.56 -5.91 4.29
CA ASP B 248 -10.02 -7.26 4.43
C ASP B 248 -11.11 -8.30 4.31
N LYS B 249 -12.27 -8.08 4.94
CA LYS B 249 -13.39 -9.01 4.82
C LYS B 249 -13.85 -9.14 3.37
N LEU B 250 -13.91 -8.02 2.64
CA LEU B 250 -14.34 -8.07 1.24
C LEU B 250 -13.34 -8.86 0.40
N LYS B 251 -12.05 -8.72 0.67
CA LYS B 251 -11.05 -9.49 -0.05
C LYS B 251 -11.25 -10.99 0.18
N ASN B 252 -11.43 -11.38 1.46
CA ASN B 252 -11.64 -12.80 1.76
C ASN B 252 -12.94 -13.31 1.17
N LYS B 253 -13.97 -12.46 1.09
CA LYS B 253 -15.25 -12.87 0.54
C LYS B 253 -15.12 -13.24 -0.94
N TRP B 254 -14.41 -12.42 -1.71
CA TRP B 254 -14.40 -12.57 -3.16
C TRP B 254 -13.19 -13.33 -3.70
N TRP B 255 -12.16 -13.56 -2.89
CA TRP B 255 -11.04 -14.37 -3.33
C TRP B 255 -11.11 -15.78 -2.74
N TYR B 256 -10.90 -15.88 -1.44
CA TYR B 256 -10.67 -17.17 -0.80
C TYR B 256 -11.95 -17.89 -0.39
N ASP B 257 -12.95 -17.16 0.09
CA ASP B 257 -14.23 -17.81 0.38
C ASP B 257 -14.84 -18.42 -0.86
N LYS B 258 -14.48 -17.92 -2.04
CA LYS B 258 -14.99 -18.40 -3.32
C LYS B 258 -14.04 -19.38 -4.00
N GLY B 259 -12.94 -19.74 -3.35
CA GLY B 259 -11.95 -20.59 -3.98
C GLY B 259 -12.52 -21.94 -4.40
N GLU B 260 -12.09 -22.40 -5.58
CA GLU B 260 -12.55 -23.66 -6.15
C GLU B 260 -11.47 -24.72 -6.22
N CYS B 261 -10.26 -24.45 -5.73
CA CYS B 261 -9.12 -25.36 -5.86
C CYS B 261 -8.67 -25.91 -4.51
N GLY B 262 -9.61 -26.08 -3.57
CA GLY B 262 -9.29 -26.66 -2.28
C GLY B 262 -9.07 -25.62 -1.21
S SO4 C . 23.01 17.64 18.35
O1 SO4 C . 21.84 17.61 19.21
O2 SO4 C . 23.31 19.02 17.99
O3 SO4 C . 24.15 17.06 19.04
O4 SO4 C . 22.76 16.87 17.13
S SO4 D . -1.74 7.18 23.56
O1 SO4 D . -1.92 8.62 23.52
O2 SO4 D . -2.30 6.60 22.33
O3 SO4 D . -0.30 6.89 23.69
O4 SO4 D . -2.42 6.59 24.71
S SO4 E . -4.98 14.33 1.48
O1 SO4 E . -6.26 14.75 2.05
O2 SO4 E . -4.28 15.51 0.94
O3 SO4 E . -4.19 13.70 2.54
O4 SO4 E . -5.20 13.38 0.40
S SO4 F . 6.68 -8.96 36.39
O1 SO4 F . 5.21 -8.97 36.52
O2 SO4 F . 7.05 -8.33 35.13
O3 SO4 F . 7.25 -8.20 37.50
O4 SO4 F . 7.18 -10.33 36.44
S SO4 G . 3.51 5.37 33.77
O1 SO4 G . 2.22 5.91 33.34
O2 SO4 G . 4.56 5.81 32.85
O3 SO4 G . 3.45 3.91 33.77
O4 SO4 G . 3.81 5.84 35.11
S SO4 H . 6.69 -1.75 -0.35
O1 SO4 H . 7.07 -1.18 0.94
O2 SO4 H . 5.45 -1.10 -0.80
O3 SO4 H . 7.75 -1.50 -1.33
O4 SO4 H . 6.48 -3.18 -0.23
N GLU I . 4.39 4.36 12.31
CA GLU I . 3.65 4.56 13.59
C GLU I . 2.96 5.91 13.62
O GLU I . 3.00 6.66 12.64
CB GLU I . 4.60 4.44 14.79
CG GLU I . 5.00 3.00 15.15
CD GLU I . 3.87 2.22 15.80
OE1 GLU I . 2.86 2.83 16.24
OE2 GLU I . 3.99 0.97 15.88
OXT GLU I . 2.37 6.28 14.64
H1 GLU I . 4.95 3.68 12.39
H2 GLU I . 3.80 4.18 11.66
H3 GLU I . 4.84 5.09 12.11
HA GLU I . 2.97 3.86 13.69
HB2 GLU I . 5.42 4.92 14.59
HB3 GLU I . 4.18 4.83 15.57
HG2 GLU I . 5.27 2.53 14.34
HG3 GLU I . 5.74 3.04 15.78
C1 GOL J . 5.20 -5.77 4.81
O1 GOL J . 6.38 -5.26 5.40
C2 GOL J . 5.37 -7.30 4.68
O2 GOL J . 6.54 -7.66 4.03
C3 GOL J . 5.37 -7.82 6.13
O3 GOL J . 4.71 -9.07 6.15
H11 GOL J . 5.04 -5.38 3.93
H12 GOL J . 4.42 -5.55 5.32
HO1 GOL J . 7.00 -5.79 5.21
H2 GOL J . 4.65 -7.69 4.17
HO2 GOL J . 6.58 -8.50 4.00
H31 GOL J . 4.96 -7.17 6.71
H32 GOL J . 6.28 -7.91 6.45
HO3 GOL J . 4.72 -9.33 6.95
C1 GOL K . 22.49 -1.22 15.68
O1 GOL K . 23.34 -2.30 15.89
C2 GOL K . 21.05 -1.76 15.72
O2 GOL K . 20.70 -2.19 16.99
C3 GOL K . 20.15 -0.60 15.22
O3 GOL K . 20.47 -0.37 13.87
H11 GOL K . 22.65 -0.77 14.83
H12 GOL K . 22.61 -0.54 16.37
HO1 GOL K . 24.13 -2.01 15.87
H2 GOL K . 20.96 -2.54 15.15
HO2 GOL K . 19.91 -2.48 16.97
H31 GOL K . 20.28 0.18 15.79
H32 GOL K . 19.22 -0.84 15.33
HO3 GOL K . 20.26 0.43 13.71
CL CL L . 29.45 8.42 17.18
CL CL M . 4.61 16.13 24.32
CL CL N . 15.13 30.56 5.36
C1 PEG O . -8.26 4.98 27.05
O1 PEG O . -8.98 4.03 26.27
C2 PEG O . -6.77 4.83 26.78
O2 PEG O . -6.07 4.43 27.96
C3 PEG O . -4.68 4.79 27.91
C4 PEG O . -3.81 3.59 28.21
O4 PEG O . -2.43 4.00 28.24
H11 PEG O . -8.45 4.81 28.12
H12 PEG O . -8.57 5.99 26.80
HO1 PEG O . -9.93 4.12 26.44
H21 PEG O . -6.60 4.09 25.99
H22 PEG O . -6.36 5.78 26.43
H31 PEG O . -4.44 5.18 26.92
H32 PEG O . -4.48 5.58 28.65
H41 PEG O . -3.95 2.83 27.45
H42 PEG O . -4.08 3.16 29.18
HO4 PEG O . -1.87 3.24 28.43
S SO4 P . -4.83 13.49 -5.38
O1 SO4 P . -6.16 14.07 -5.17
O2 SO4 P . -4.00 14.43 -6.15
O3 SO4 P . -4.18 13.25 -4.10
O4 SO4 P . -4.95 12.25 -6.14
S SO4 Q . -1.00 1.04 -24.95
O1 SO4 Q . -1.79 2.22 -25.29
O2 SO4 Q . -0.34 1.24 -23.67
O3 SO4 Q . 0.04 0.80 -25.96
O4 SO4 Q . -1.88 -0.12 -24.91
S SO4 R . -4.18 -5.39 1.07
O1 SO4 R . -4.57 -4.04 1.47
O2 SO4 R . -4.47 -5.55 -0.35
O3 SO4 R . -2.76 -5.58 1.33
O4 SO4 R . -4.94 -6.37 1.84
C1 D45 S . -0.77 0.39 1.31
C2 D45 S . -0.44 1.68 1.72
C3 D45 S . -1.42 2.49 2.29
C4 D45 S . -2.70 2.00 2.45
C5 D45 S . -3.09 0.70 2.05
C6 D45 S . -2.09 -0.11 1.46
C7 D45 S . -4.72 -1.13 1.69
C12 D45 S . 2.22 1.92 -2.72
C13 D45 S . 1.89 0.83 -1.88
C14 D45 S . 0.54 0.46 -1.67
N1 D45 S . -4.41 0.20 2.20
C8 D45 S . -5.43 0.88 3.01
N2 D45 S . -5.30 2.32 2.82
S1 D45 S . -3.87 3.12 3.20
O1 D45 S . -3.73 3.00 4.67
O2 D45 S . -3.80 4.43 2.54
C9 D45 S . 0.32 -0.48 0.71
C10 D45 S . 0.18 -0.73 -0.79
C11 D45 S . 1.13 2.59 -3.35
C15 D45 S . -0.50 1.15 -2.31
C16 D45 S . -0.20 2.22 -3.14
N3 D45 S . 3.57 2.30 -2.95
C17 D45 S . 4.01 3.31 -3.92
N4 D45 S . 2.99 4.35 -4.06
S2 D45 S . 1.38 3.96 -4.42
O3 D45 S . 0.48 5.07 -4.05
O4 D45 S . 1.37 3.45 -5.82
C18 D45 S . 4.61 1.72 -2.09
H1 D45 S . 0.43 2.00 1.62
H2 D45 S . -1.21 3.35 2.57
H3 D45 S . -2.26 -0.97 1.18
H4 D45 S . -5.62 -1.39 1.91
H5 D45 S . -4.64 -1.17 0.72
H6 D45 S . -4.11 -1.78 2.05
H7 D45 S . 2.55 0.34 -1.45
H8 D45 S . -5.33 0.68 3.95
H9 D45 S . -6.32 0.59 2.76
H10 D45 S . -5.99 2.80 2.52
H11 D45 S . 1.18 -0.05 0.88
H12 D45 S . 0.36 -1.32 1.18
H13 D45 S . -0.73 -1.00 -0.99
H14 D45 S . 0.74 -1.47 -1.03
H15 D45 S . -1.39 0.90 -2.17
H16 D45 S . -0.88 2.69 -3.57
H17 D45 S . 4.15 2.92 -4.79
H18 D45 S . 4.85 3.71 -3.65
H19 D45 S . 3.21 5.20 -3.94
H20 D45 S . 4.58 0.75 -2.10
H21 D45 S . 5.50 1.99 -2.38
H22 D45 S . 4.50 1.99 -1.16
N GLU T . -4.96 -2.23 -12.89
CA GLU T . -4.43 -1.90 -14.22
C GLU T . -4.70 -0.46 -14.61
O GLU T . -5.28 0.31 -13.84
CB GLU T . -5.01 -2.84 -15.27
CG GLU T . -4.42 -4.26 -15.26
CD GLU T . -2.97 -4.33 -15.77
OE1 GLU T . -2.52 -3.36 -16.43
OE2 GLU T . -2.30 -5.35 -15.52
OXT GLU T . -4.36 -0.04 -15.72
HA GLU T . -3.46 -2.03 -14.20
HB2 GLU T . -5.97 -2.91 -15.13
HB3 GLU T . -4.85 -2.46 -16.15
HG2 GLU T . -4.43 -4.60 -14.35
HG3 GLU T . -4.95 -4.83 -15.83
C1 GOL U . -9.74 4.42 -28.44
O1 GOL U . -8.72 4.16 -27.51
C2 GOL U . -11.07 3.87 -27.83
O2 GOL U . -10.88 2.67 -27.19
C3 GOL U . -11.59 4.96 -26.85
O3 GOL U . -12.97 4.86 -26.86
H11 GOL U . -9.59 4.00 -29.30
H12 GOL U . -9.83 5.37 -28.62
HO1 GOL U . -8.00 4.46 -27.85
H2 GOL U . -11.71 3.70 -28.53
HO2 GOL U . -10.05 2.57 -27.05
H31 GOL U . -11.25 5.82 -27.13
H32 GOL U . -11.22 4.81 -25.98
HO3 GOL U . -13.26 5.48 -26.35
C1 GOL V . 1.19 -10.58 -3.96
O1 GOL V . 2.18 -11.53 -3.68
C2 GOL V . 0.69 -10.00 -2.63
O2 GOL V . -0.03 -10.93 -1.90
C3 GOL V . -0.16 -8.76 -3.02
O3 GOL V . -1.37 -9.23 -3.54
H11 GOL V . 0.45 -10.96 -4.45
H12 GOL V . 1.53 -9.87 -4.52
HO1 GOL V . 1.80 -12.28 -3.68
H2 GOL V . 1.44 -9.74 -2.06
HO2 GOL V . -0.51 -11.37 -2.44
H31 GOL V . 0.35 -8.21 -3.65
H32 GOL V . -0.29 -8.19 -2.24
HO3 GOL V . -1.75 -9.67 -2.92
CL CL W . -30.52 12.33 -11.16
C1 PEG X . 6.35 2.59 -27.61
O1 PEG X . 7.77 2.43 -27.59
C2 PEG X . 5.72 1.74 -28.71
O2 PEG X . 4.42 1.33 -28.32
C3 PEG X . 4.10 0.04 -28.84
C4 PEG X . 2.78 -0.50 -28.30
O4 PEG X . 2.69 -1.86 -28.72
H11 PEG X . 5.93 2.30 -26.65
H12 PEG X . 6.10 3.64 -27.78
HO1 PEG X . 8.14 2.97 -26.89
H21 PEG X . 6.34 0.86 -28.90
H22 PEG X . 5.67 2.32 -29.64
H31 PEG X . 4.90 -0.66 -28.59
H32 PEG X . 4.04 0.10 -29.93
H41 PEG X . 2.77 -0.44 -27.21
H42 PEG X . 1.94 0.08 -28.69
HO4 PEG X . 1.86 -2.24 -28.39
#